data_6OHJ
#
_entry.id   6OHJ
#
_cell.length_a   65.817
_cell.length_b   65.817
_cell.length_c   288.848
_cell.angle_alpha   90.000
_cell.angle_beta   90.000
_cell.angle_gamma   120.000
#
_symmetry.space_group_name_H-M   'P 61 2 2'
#
loop_
_entity.id
_entity.type
_entity.pdbx_description
1 polymer 'Debrominase Bmp8'
2 non-polymer 'SULFATE ION'
3 non-polymer 2,3,4-tribromo-1H-pyrrole
4 water water
#
_entity_poly.entity_id   1
_entity_poly.type   'polypeptide(L)'
_entity_poly.pdbx_seq_one_letter_code
;GSHMTDSMNTLVTPLQRSDAPQLEPVFRGMEQNLGFLPNGILTMGKNPDLAVAFGGLFKCIDAFKHIPTELKWAIAMISS
SAAGAMYCKSHFSHIATRTHVNRNKVMAAFEFQTSDFYNEAERAALAFAFANSTSPAHLDKEHFDELARYYSEEAAIEIA
AIIAICGFLNRWNAAMDSQIEAAPRATLDEIEKQN
;
_entity_poly.pdbx_strand_id   A,B
#
loop_
_chem_comp.id
_chem_comp.type
_chem_comp.name
_chem_comp.formula
MKV non-polymer 2,3,4-tribromo-1H-pyrrole 'C4 H2 Br3 N'
SO4 non-polymer 'SULFATE ION' 'O4 S -2'
#
# COMPACT_ATOMS: atom_id res chain seq x y z
N ASP A 6 8.73 3.18 24.17
CA ASP A 6 7.64 2.41 23.57
C ASP A 6 7.02 3.19 22.40
N SER A 7 5.83 2.75 21.97
CA SER A 7 5.16 3.32 20.82
C SER A 7 4.49 4.66 21.16
N MET A 8 4.44 5.55 20.16
CA MET A 8 3.69 6.80 20.28
C MET A 8 2.19 6.57 20.19
N ASN A 9 1.78 5.40 19.69
CA ASN A 9 0.38 5.07 19.50
C ASN A 9 -0.13 4.32 20.73
N THR A 10 -1.01 4.96 21.47
CA THR A 10 -1.67 4.36 22.61
C THR A 10 -3.18 4.21 22.42
N LEU A 11 -3.73 4.76 21.33
CA LEU A 11 -5.17 4.71 21.11
C LEU A 11 -5.63 3.32 20.66
N VAL A 12 -4.91 2.70 19.75
CA VAL A 12 -5.29 1.40 19.20
C VAL A 12 -4.26 0.36 19.65
N THR A 13 -4.71 -0.56 20.52
CA THR A 13 -3.83 -1.57 21.12
C THR A 13 -4.10 -2.95 20.49
N PRO A 14 -3.07 -3.77 20.38
CA PRO A 14 -3.26 -5.11 19.80
C PRO A 14 -3.99 -6.03 20.77
N LEU A 15 -4.76 -6.96 20.22
CA LEU A 15 -5.43 -7.95 21.04
C LEU A 15 -4.50 -9.12 21.32
N GLN A 16 -4.87 -9.93 22.31
CA GLN A 16 -4.13 -11.14 22.61
C GLN A 16 -4.41 -12.18 21.53
N ARG A 17 -3.39 -12.99 21.21
CA ARG A 17 -3.53 -13.94 20.11
C ARG A 17 -4.66 -14.94 20.35
N SER A 18 -4.80 -15.40 21.59
CA SER A 18 -5.87 -16.33 21.92
C SER A 18 -7.26 -15.72 21.75
N ASP A 19 -7.34 -14.39 21.67
CA ASP A 19 -8.63 -13.71 21.52
C ASP A 19 -9.20 -13.75 20.11
N ALA A 20 -8.36 -13.92 19.08
CA ALA A 20 -8.84 -13.95 17.69
C ALA A 20 -8.38 -15.24 17.00
N PRO A 21 -8.98 -16.38 17.36
CA PRO A 21 -8.64 -17.62 16.66
C PRO A 21 -9.17 -17.68 15.25
N GLN A 22 -10.24 -16.92 14.93
CA GLN A 22 -10.83 -17.00 13.59
C GLN A 22 -9.82 -16.60 12.53
N LEU A 23 -8.84 -15.77 12.89
CA LEU A 23 -7.86 -15.27 11.93
C LEU A 23 -6.62 -16.16 11.83
N GLU A 24 -6.67 -17.40 12.33
CA GLU A 24 -5.52 -18.29 12.23
C GLU A 24 -5.07 -18.57 10.81
N PRO A 25 -5.94 -18.77 9.81
CA PRO A 25 -5.44 -18.85 8.42
C PRO A 25 -4.67 -17.63 7.94
N VAL A 26 -5.06 -16.43 8.38
CA VAL A 26 -4.32 -15.22 8.03
C VAL A 26 -2.99 -15.17 8.79
N PHE A 27 -3.00 -15.61 10.06
CA PHE A 27 -1.81 -15.56 10.91
C PHE A 27 -0.72 -16.52 10.42
N ARG A 28 -1.10 -17.73 9.98
CA ARG A 28 -0.11 -18.73 9.62
C ARG A 28 0.76 -18.27 8.46
N GLY A 29 0.15 -17.72 7.41
CA GLY A 29 0.93 -17.19 6.31
C GLY A 29 1.96 -16.17 6.74
N MET A 30 1.61 -15.33 7.72
CA MET A 30 2.53 -14.33 8.26
C MET A 30 3.63 -15.00 9.09
N GLU A 31 3.23 -15.76 10.12
CA GLU A 31 4.18 -16.21 11.13
C GLU A 31 5.03 -17.38 10.68
N GLN A 32 4.53 -18.21 9.76
CA GLN A 32 5.37 -19.28 9.23
C GLN A 32 6.63 -18.71 8.60
N ASN A 33 6.48 -17.65 7.80
CA ASN A 33 7.62 -17.00 7.16
C ASN A 33 8.44 -16.17 8.15
N LEU A 34 7.79 -15.58 9.14
CA LEU A 34 8.42 -14.64 10.05
C LEU A 34 8.91 -15.26 11.36
N GLY A 35 8.26 -16.34 11.82
CA GLY A 35 8.57 -16.94 13.10
C GLY A 35 7.77 -16.42 14.28
N PHE A 36 6.98 -15.36 14.07
CA PHE A 36 6.12 -14.79 15.11
C PHE A 36 5.02 -13.99 14.42
N LEU A 37 4.01 -13.60 15.20
CA LEU A 37 2.89 -12.85 14.67
C LEU A 37 3.09 -11.37 14.95
N PRO A 38 3.14 -10.50 13.93
CA PRO A 38 3.40 -9.08 14.19
C PRO A 38 2.26 -8.41 14.93
N ASN A 39 2.61 -7.34 15.64
CA ASN A 39 1.60 -6.54 16.32
C ASN A 39 0.68 -5.83 15.34
N GLY A 40 1.16 -5.55 14.13
CA GLY A 40 0.30 -4.91 13.15
C GLY A 40 -0.88 -5.79 12.75
N ILE A 41 -0.67 -7.10 12.71
CA ILE A 41 -1.73 -8.03 12.34
C ILE A 41 -2.67 -8.30 13.53
N LEU A 42 -2.11 -8.39 14.74
CA LEU A 42 -2.95 -8.50 15.93
C LEU A 42 -3.87 -7.29 16.06
N THR A 43 -3.36 -6.11 15.73
CA THR A 43 -4.18 -4.89 15.76
C THR A 43 -5.22 -4.90 14.63
N MET A 44 -4.79 -5.25 13.42
CA MET A 44 -5.70 -5.36 12.28
C MET A 44 -6.85 -6.33 12.55
N GLY A 45 -6.66 -7.27 13.48
CA GLY A 45 -7.68 -8.26 13.78
C GLY A 45 -8.97 -7.72 14.36
N LYS A 46 -8.92 -6.50 14.92
CA LYS A 46 -10.11 -5.85 15.48
C LYS A 46 -11.08 -5.37 14.41
N ASN A 47 -10.71 -5.42 13.12
CA ASN A 47 -11.61 -5.17 12.01
C ASN A 47 -11.62 -6.42 11.15
N PRO A 48 -12.57 -7.34 11.36
CA PRO A 48 -12.53 -8.62 10.62
C PRO A 48 -12.60 -8.47 9.10
N ASP A 49 -13.37 -7.50 8.59
CA ASP A 49 -13.39 -7.28 7.15
C ASP A 49 -12.01 -6.92 6.62
N LEU A 50 -11.31 -6.03 7.33
CA LEU A 50 -9.97 -5.64 6.91
C LEU A 50 -8.97 -6.78 7.07
N ALA A 51 -9.05 -7.52 8.18
CA ALA A 51 -8.08 -8.59 8.42
C ALA A 51 -8.20 -9.70 7.40
N VAL A 52 -9.43 -10.12 7.10
CA VAL A 52 -9.63 -11.22 6.15
C VAL A 52 -9.26 -10.78 4.73
N ALA A 53 -9.67 -9.57 4.33
CA ALA A 53 -9.39 -9.11 2.97
C ALA A 53 -7.90 -8.94 2.73
N PHE A 54 -7.18 -8.38 3.70
CA PHE A 54 -5.74 -8.22 3.54
C PHE A 54 -5.02 -9.56 3.64
N GLY A 55 -5.49 -10.44 4.53
CA GLY A 55 -4.91 -11.77 4.60
C GLY A 55 -5.02 -12.51 3.29
N GLY A 56 -6.18 -12.40 2.63
CA GLY A 56 -6.34 -12.99 1.31
C GLY A 56 -5.44 -12.34 0.27
N LEU A 57 -5.14 -11.06 0.43
CA LEU A 57 -4.21 -10.41 -0.48
C LEU A 57 -2.78 -10.86 -0.22
N PHE A 58 -2.40 -10.99 1.06
CA PHE A 58 -1.01 -11.33 1.38
C PHE A 58 -0.66 -12.75 0.97
N LYS A 59 -1.63 -13.65 0.92
CA LYS A 59 -1.32 -15.01 0.48
C LYS A 59 -0.88 -15.07 -0.98
N CYS A 60 -1.17 -14.01 -1.75
CA CYS A 60 -0.73 -13.98 -3.14
C CYS A 60 0.78 -13.95 -3.27
N ILE A 61 1.48 -13.39 -2.26
CA ILE A 61 2.94 -13.37 -2.29
C ILE A 61 3.50 -14.78 -2.33
N ASP A 62 3.04 -15.63 -1.40
CA ASP A 62 3.49 -17.02 -1.38
C ASP A 62 3.02 -17.77 -2.63
N ALA A 63 1.86 -17.43 -3.16
CA ALA A 63 1.29 -18.13 -4.31
C ALA A 63 1.93 -17.75 -5.63
N PHE A 64 2.74 -16.68 -5.66
CA PHE A 64 3.30 -16.20 -6.92
C PHE A 64 4.27 -17.21 -7.50
N LYS A 65 4.23 -17.34 -8.83
CA LYS A 65 4.90 -18.44 -9.51
C LYS A 65 6.01 -18.03 -10.45
N HIS A 66 6.10 -16.76 -10.84
CA HIS A 66 6.97 -16.34 -11.94
C HIS A 66 8.28 -15.70 -11.49
N ILE A 67 8.49 -15.53 -10.19
CA ILE A 67 9.75 -15.01 -9.67
C ILE A 67 10.22 -15.91 -8.52
N PRO A 68 11.52 -16.07 -8.32
CA PRO A 68 11.99 -16.91 -7.21
C PRO A 68 11.56 -16.37 -5.86
N THR A 69 11.50 -17.27 -4.88
CA THR A 69 11.09 -16.88 -3.53
C THR A 69 12.09 -15.92 -2.92
N GLU A 70 13.39 -16.15 -3.13
CA GLU A 70 14.41 -15.26 -2.59
C GLU A 70 14.27 -13.85 -3.15
N LEU A 71 13.81 -13.73 -4.40
CA LEU A 71 13.62 -12.42 -4.99
C LEU A 71 12.40 -11.72 -4.42
N LYS A 72 11.35 -12.47 -4.07
CA LYS A 72 10.15 -11.89 -3.48
C LYS A 72 10.48 -11.08 -2.24
N TRP A 73 11.25 -11.66 -1.31
CA TRP A 73 11.58 -10.95 -0.08
C TRP A 73 12.67 -9.92 -0.29
N ALA A 74 13.53 -10.10 -1.30
CA ALA A 74 14.49 -9.06 -1.64
C ALA A 74 13.77 -7.82 -2.16
N ILE A 75 12.75 -8.02 -3.01
CA ILE A 75 11.92 -6.92 -3.46
C ILE A 75 11.25 -6.23 -2.27
N ALA A 76 10.74 -7.04 -1.32
CA ALA A 76 10.08 -6.48 -0.14
C ALA A 76 11.06 -5.72 0.74
N MET A 77 12.29 -6.24 0.88
CA MET A 77 13.30 -5.53 1.66
C MET A 77 13.64 -4.19 1.02
N ILE A 78 13.87 -4.19 -0.29
CA ILE A 78 14.24 -2.97 -0.99
C ILE A 78 13.10 -1.97 -0.98
N SER A 79 11.87 -2.44 -1.18
CA SER A 79 10.72 -1.54 -1.20
C SER A 79 10.51 -0.89 0.17
N SER A 80 10.56 -1.69 1.25
CA SER A 80 10.38 -1.11 2.57
C SER A 80 11.52 -0.18 2.92
N SER A 81 12.74 -0.48 2.48
CA SER A 81 13.86 0.40 2.78
C SER A 81 13.72 1.72 2.03
N ALA A 82 13.37 1.68 0.74
CA ALA A 82 13.21 2.90 -0.03
C ALA A 82 12.14 3.80 0.57
N ALA A 83 11.09 3.22 1.14
CA ALA A 83 10.05 4.00 1.78
C ALA A 83 10.44 4.46 3.18
N GLY A 84 11.61 4.06 3.68
CA GLY A 84 12.00 4.45 5.01
C GLY A 84 11.19 3.79 6.11
N ALA A 85 10.69 2.58 5.86
CA ALA A 85 9.91 1.83 6.85
C ALA A 85 10.84 0.80 7.48
N MET A 86 11.48 1.19 8.60
CA MET A 86 12.44 0.29 9.24
C MET A 86 11.77 -0.91 9.88
N TYR A 87 10.52 -0.77 10.32
CA TYR A 87 9.80 -1.92 10.87
C TYR A 87 9.61 -2.99 9.79
N CYS A 88 9.06 -2.59 8.64
CA CYS A 88 8.88 -3.55 7.55
C CYS A 88 10.20 -3.98 6.94
N LYS A 89 11.19 -3.08 6.87
CA LYS A 89 12.51 -3.48 6.43
C LYS A 89 13.08 -4.58 7.31
N SER A 90 12.90 -4.46 8.63
CA SER A 90 13.40 -5.47 9.54
C SER A 90 12.64 -6.78 9.40
N HIS A 91 11.33 -6.70 9.19
CA HIS A 91 10.51 -7.91 9.08
C HIS A 91 10.87 -8.71 7.83
N PHE A 92 10.99 -8.03 6.69
CA PHE A 92 11.29 -8.72 5.44
C PHE A 92 12.74 -9.22 5.39
N SER A 93 13.66 -8.50 6.05
CA SER A 93 15.02 -9.02 6.20
C SER A 93 15.03 -10.26 7.09
N HIS A 94 14.25 -10.25 8.16
CA HIS A 94 14.15 -11.43 9.02
C HIS A 94 13.56 -12.61 8.26
N ILE A 95 12.55 -12.35 7.42
CA ILE A 95 12.00 -13.40 6.57
C ILE A 95 13.05 -13.92 5.59
N ALA A 96 13.86 -13.01 5.04
CA ALA A 96 14.89 -13.43 4.08
C ALA A 96 15.95 -14.30 4.73
N THR A 97 16.34 -13.98 5.97
CA THR A 97 17.34 -14.79 6.67
C THR A 97 16.79 -16.15 7.09
N ARG A 98 15.50 -16.22 7.42
CA ARG A 98 14.88 -17.48 7.84
C ARG A 98 14.61 -18.43 6.68
N THR A 99 14.55 -17.92 5.45
CA THR A 99 14.17 -18.73 4.30
C THR A 99 15.31 -18.98 3.32
N HIS A 100 16.37 -18.18 3.37
CA HIS A 100 17.44 -18.29 2.40
C HIS A 100 18.56 -19.18 2.94
N VAL A 101 19.13 -19.99 2.05
CA VAL A 101 20.22 -20.88 2.44
C VAL A 101 21.52 -20.10 2.62
N ASN A 102 21.71 -19.02 1.86
CA ASN A 102 22.93 -18.22 1.85
C ASN A 102 22.65 -16.91 2.57
N ARG A 103 23.12 -16.82 3.82
CA ARG A 103 22.91 -15.60 4.60
C ARG A 103 23.68 -14.41 4.01
N ASN A 104 24.80 -14.66 3.33
CA ASN A 104 25.61 -13.57 2.80
C ASN A 104 24.89 -12.79 1.70
N LYS A 105 24.11 -13.47 0.86
CA LYS A 105 23.37 -12.77 -0.18
C LYS A 105 22.31 -11.86 0.43
N VAL A 106 21.68 -12.30 1.51
CA VAL A 106 20.67 -11.48 2.17
C VAL A 106 21.30 -10.22 2.75
N MET A 107 22.48 -10.36 3.39
CA MET A 107 23.12 -9.19 3.99
C MET A 107 23.65 -8.22 2.94
N ALA A 108 23.80 -8.67 1.70
CA ALA A 108 24.26 -7.83 0.61
C ALA A 108 23.11 -7.31 -0.25
N ALA A 109 21.86 -7.46 0.21
CA ALA A 109 20.71 -7.10 -0.62
C ALA A 109 20.70 -5.61 -0.94
N PHE A 110 20.94 -4.77 0.06
CA PHE A 110 20.82 -3.33 -0.13
C PHE A 110 21.94 -2.73 -0.95
N GLU A 111 22.95 -3.52 -1.32
CA GLU A 111 23.99 -3.11 -2.26
C GLU A 111 23.89 -3.89 -3.57
N PHE A 112 22.67 -4.26 -3.97
CA PHE A 112 22.49 -5.15 -5.11
C PHE A 112 23.07 -4.56 -6.39
N GLN A 113 23.12 -3.24 -6.50
CA GLN A 113 23.62 -2.62 -7.72
C GLN A 113 25.11 -2.83 -7.91
N THR A 114 25.83 -3.18 -6.85
CA THR A 114 27.27 -3.43 -6.92
C THR A 114 27.69 -4.77 -6.35
N SER A 115 26.87 -5.43 -5.52
CA SER A 115 27.25 -6.70 -4.94
C SER A 115 27.16 -7.82 -5.97
N ASP A 116 28.16 -8.70 -5.96
CA ASP A 116 28.27 -9.77 -6.95
C ASP A 116 27.32 -10.94 -6.69
N PHE A 117 26.49 -10.86 -5.64
CA PHE A 117 25.48 -11.90 -5.41
C PHE A 117 24.22 -11.72 -6.27
N TYR A 118 24.12 -10.63 -7.03
CA TYR A 118 22.90 -10.31 -7.76
C TYR A 118 23.21 -10.09 -9.25
N ASN A 119 22.43 -10.72 -10.11
CA ASN A 119 22.60 -10.59 -11.55
C ASN A 119 21.79 -9.39 -12.06
N GLU A 120 21.83 -9.18 -13.37
CA GLU A 120 21.14 -8.03 -13.96
C GLU A 120 19.62 -8.16 -13.87
N ALA A 121 19.11 -9.39 -13.82
CA ALA A 121 17.66 -9.57 -13.68
C ALA A 121 17.20 -9.14 -12.29
N GLU A 122 17.92 -9.58 -11.25
CA GLU A 122 17.59 -9.19 -9.88
C GLU A 122 17.79 -7.69 -9.67
N ARG A 123 18.85 -7.12 -10.24
CA ARG A 123 19.07 -5.69 -10.11
C ARG A 123 17.97 -4.89 -10.80
N ALA A 124 17.47 -5.38 -11.94
CA ALA A 124 16.39 -4.69 -12.62
C ALA A 124 15.12 -4.66 -11.77
N ALA A 125 14.82 -5.77 -11.08
CA ALA A 125 13.62 -5.84 -10.26
C ALA A 125 13.77 -5.04 -8.97
N LEU A 126 14.95 -5.07 -8.35
CA LEU A 126 15.14 -4.34 -7.09
C LEU A 126 15.24 -2.84 -7.32
N ALA A 127 15.83 -2.42 -8.45
CA ALA A 127 15.86 -1.00 -8.79
C ALA A 127 14.47 -0.47 -9.09
N PHE A 128 13.63 -1.28 -9.75
CA PHE A 128 12.24 -0.91 -9.95
C PHE A 128 11.50 -0.77 -8.62
N ALA A 129 11.72 -1.71 -7.71
CA ALA A 129 11.05 -1.67 -6.41
C ALA A 129 11.46 -0.44 -5.62
N PHE A 130 12.74 -0.10 -5.65
CA PHE A 130 13.21 1.08 -4.92
C PHE A 130 12.56 2.34 -5.47
N ALA A 131 12.68 2.57 -6.77
CA ALA A 131 12.11 3.76 -7.39
C ALA A 131 10.60 3.78 -7.33
N ASN A 132 9.96 2.61 -7.13
CA ASN A 132 8.51 2.57 -7.02
C ASN A 132 8.03 3.00 -5.64
N SER A 133 8.86 2.85 -4.61
CA SER A 133 8.43 2.98 -3.23
C SER A 133 8.73 4.33 -2.61
N THR A 134 9.46 5.21 -3.28
CA THR A 134 9.73 6.53 -2.76
C THR A 134 8.52 7.45 -2.98
N SER A 135 8.52 8.57 -2.27
CA SER A 135 7.43 9.55 -2.34
C SER A 135 7.96 10.89 -2.80
N PRO A 136 7.69 11.30 -4.04
CA PRO A 136 6.96 10.51 -5.03
C PRO A 136 7.83 9.44 -5.69
N ALA A 137 7.22 8.51 -6.42
CA ALA A 137 7.99 7.49 -7.13
C ALA A 137 8.83 8.14 -8.23
N HIS A 138 10.10 7.77 -8.30
CA HIS A 138 11.01 8.28 -9.32
C HIS A 138 11.29 7.21 -10.38
N LEU A 139 10.23 6.51 -10.77
CA LEU A 139 10.33 5.50 -11.83
C LEU A 139 10.44 6.19 -13.19
N ASP A 140 11.55 5.96 -13.89
CA ASP A 140 11.76 6.54 -15.21
C ASP A 140 11.62 5.47 -16.29
N LYS A 141 11.74 5.90 -17.55
CA LYS A 141 11.55 4.97 -18.67
C LYS A 141 12.60 3.87 -18.66
N GLU A 142 13.81 4.17 -18.20
CA GLU A 142 14.87 3.15 -18.17
C GLU A 142 14.52 2.02 -17.21
N HIS A 143 13.84 2.32 -16.11
CA HIS A 143 13.39 1.26 -15.21
C HIS A 143 12.43 0.30 -15.90
N PHE A 144 11.48 0.84 -16.66
CA PHE A 144 10.50 -0.01 -17.35
C PHE A 144 11.16 -0.83 -18.46
N ASP A 145 12.12 -0.24 -19.16
CA ASP A 145 12.82 -0.97 -20.21
C ASP A 145 13.61 -2.15 -19.64
N GLU A 146 14.33 -1.92 -18.54
CA GLU A 146 15.12 -2.99 -17.94
C GLU A 146 14.23 -4.08 -17.35
N LEU A 147 13.10 -3.70 -16.76
CA LEU A 147 12.18 -4.71 -16.23
C LEU A 147 11.59 -5.55 -17.35
N ALA A 148 11.24 -4.93 -18.46
CA ALA A 148 10.70 -5.67 -19.60
C ALA A 148 11.75 -6.53 -20.28
N ARG A 149 13.03 -6.18 -20.14
CA ARG A 149 14.08 -6.95 -20.81
C ARG A 149 14.38 -8.26 -20.09
N TYR A 150 14.12 -8.33 -18.77
CA TYR A 150 14.45 -9.51 -17.98
C TYR A 150 13.24 -10.24 -17.41
N TYR A 151 12.03 -9.69 -17.53
CA TYR A 151 10.88 -10.32 -16.90
C TYR A 151 9.68 -10.33 -17.84
N SER A 152 8.87 -11.37 -17.69
CA SER A 152 7.63 -11.50 -18.45
C SER A 152 6.54 -10.60 -17.87
N GLU A 153 5.44 -10.47 -18.61
CA GLU A 153 4.29 -9.70 -18.13
C GLU A 153 3.75 -10.29 -16.83
N GLU A 154 3.71 -11.62 -16.73
CA GLU A 154 3.26 -12.27 -15.51
C GLU A 154 4.23 -12.02 -14.36
N ALA A 155 5.53 -12.08 -14.63
CA ALA A 155 6.51 -11.80 -13.59
C ALA A 155 6.44 -10.34 -13.15
N ALA A 156 6.23 -9.42 -14.09
CA ALA A 156 6.15 -8.00 -13.74
C ALA A 156 4.95 -7.70 -12.86
N ILE A 157 3.82 -8.36 -13.13
CA ILE A 157 2.64 -8.13 -12.32
C ILE A 157 2.89 -8.58 -10.88
N GLU A 158 3.55 -9.74 -10.71
CA GLU A 158 3.84 -10.22 -9.37
C GLU A 158 4.90 -9.37 -8.68
N ILE A 159 5.82 -8.78 -9.43
CA ILE A 159 6.79 -7.86 -8.82
C ILE A 159 6.07 -6.63 -8.29
N ALA A 160 5.30 -5.96 -9.15
CA ALA A 160 4.59 -4.76 -8.73
C ALA A 160 3.61 -5.05 -7.61
N ALA A 161 2.99 -6.23 -7.61
CA ALA A 161 2.07 -6.57 -6.54
C ALA A 161 2.77 -6.60 -5.20
N ILE A 162 3.98 -7.16 -5.15
CA ILE A 162 4.75 -7.19 -3.91
C ILE A 162 5.10 -5.77 -3.47
N ILE A 163 5.47 -4.92 -4.42
CA ILE A 163 5.79 -3.53 -4.08
C ILE A 163 4.56 -2.84 -3.51
N ALA A 164 3.40 -3.04 -4.15
CA ALA A 164 2.18 -2.40 -3.69
C ALA A 164 1.74 -2.94 -2.34
N ILE A 165 1.92 -4.25 -2.10
CA ILE A 165 1.58 -4.81 -0.81
C ILE A 165 2.49 -4.23 0.28
N CYS A 166 3.77 -4.00 -0.04
CA CYS A 166 4.64 -3.31 0.90
C CYS A 166 4.15 -1.90 1.19
N GLY A 167 3.58 -1.23 0.17
CA GLY A 167 3.00 0.08 0.39
C GLY A 167 1.91 0.06 1.45
N PHE A 168 1.09 -0.98 1.44
CA PHE A 168 0.09 -1.17 2.49
C PHE A 168 0.78 -1.39 3.84
N LEU A 169 1.78 -2.25 3.88
CA LEU A 169 2.42 -2.60 5.15
C LEU A 169 3.24 -1.43 5.68
N ASN A 170 3.94 -0.71 4.81
CA ASN A 170 4.72 0.43 5.27
C ASN A 170 3.84 1.49 5.93
N ARG A 171 2.72 1.82 5.30
CA ARG A 171 1.83 2.86 5.84
C ARG A 171 1.00 2.35 7.01
N TRP A 172 0.61 1.07 6.99
CA TRP A 172 -0.13 0.52 8.12
C TRP A 172 0.74 0.48 9.37
N ASN A 173 1.97 -0.01 9.23
CA ASN A 173 2.87 -0.11 10.38
C ASN A 173 3.37 1.26 10.83
N ALA A 174 3.39 2.25 9.94
CA ALA A 174 3.68 3.61 10.37
C ALA A 174 2.50 4.18 11.15
N ALA A 175 1.28 3.85 10.73
CA ALA A 175 0.09 4.30 11.45
C ALA A 175 -0.02 3.66 12.83
N MET A 176 0.42 2.42 12.96
CA MET A 176 0.43 1.75 14.26
C MET A 176 1.65 2.10 15.08
N ASP A 177 2.67 2.71 14.47
CA ASP A 177 3.96 2.92 15.12
C ASP A 177 4.43 1.62 15.77
N SER A 178 4.34 0.54 15.02
CA SER A 178 4.72 -0.77 15.53
C SER A 178 6.21 -0.79 15.85
N GLN A 179 6.55 -1.15 17.08
CA GLN A 179 7.95 -1.18 17.48
C GLN A 179 8.60 -2.49 17.03
N ILE A 180 9.83 -2.37 16.53
CA ILE A 180 10.55 -3.52 15.99
C ILE A 180 10.77 -4.55 17.09
N GLU A 181 10.36 -5.79 16.81
CA GLU A 181 10.52 -6.89 17.75
C GLU A 181 11.99 -7.27 17.89
N ALA A 182 12.28 -8.05 18.95
CA ALA A 182 13.67 -8.35 19.28
C ALA A 182 14.36 -9.15 18.17
N ALA A 183 13.67 -10.15 17.62
CA ALA A 183 14.29 -10.98 16.58
C ALA A 183 14.56 -10.19 15.31
N PRO A 184 13.63 -9.41 14.76
CA PRO A 184 13.99 -8.55 13.62
C PRO A 184 14.98 -7.46 13.97
N ARG A 185 14.99 -6.97 15.22
CA ARG A 185 15.95 -5.94 15.61
C ARG A 185 17.38 -6.46 15.49
N ALA A 186 17.62 -7.71 15.89
CA ALA A 186 18.94 -8.30 15.74
C ALA A 186 19.31 -8.45 14.27
N THR A 187 18.36 -8.88 13.44
CA THR A 187 18.64 -9.05 12.01
C THR A 187 18.97 -7.72 11.35
N LEU A 188 18.23 -6.65 11.69
CA LEU A 188 18.46 -5.35 11.08
C LEU A 188 19.79 -4.75 11.54
N ASP A 189 20.16 -4.99 12.81
CA ASP A 189 21.44 -4.50 13.28
C ASP A 189 22.60 -5.17 12.55
N GLU A 190 22.46 -6.48 12.27
CA GLU A 190 23.51 -7.19 11.55
C GLU A 190 23.65 -6.69 10.12
N ILE A 191 22.53 -6.42 9.47
CA ILE A 191 22.57 -6.00 8.06
C ILE A 191 23.06 -4.57 7.91
N GLU A 192 23.04 -3.78 8.96
CA GLU A 192 23.55 -2.41 8.95
C GLU A 192 24.91 -2.32 9.65
N ASP B 6 2.33 8.65 -24.50
CA ASP B 6 1.63 7.49 -23.97
C ASP B 6 2.31 7.02 -22.68
N SER B 7 1.98 5.80 -22.24
CA SER B 7 2.48 5.24 -20.98
C SER B 7 3.93 4.79 -21.15
N MET B 8 4.70 4.89 -20.06
CA MET B 8 6.05 4.34 -20.04
C MET B 8 6.06 2.82 -19.91
N ASN B 9 4.94 2.24 -19.47
CA ASN B 9 4.83 0.81 -19.24
C ASN B 9 4.23 0.18 -20.49
N THR B 10 5.04 -0.61 -21.20
CA THR B 10 4.58 -1.33 -22.37
C THR B 10 4.66 -2.84 -22.20
N LEU B 11 5.26 -3.35 -21.12
CA LEU B 11 5.39 -4.78 -20.96
C LEU B 11 4.07 -5.41 -20.54
N VAL B 12 3.37 -4.79 -19.59
CA VAL B 12 2.11 -5.30 -19.08
C VAL B 12 1.01 -4.34 -19.50
N THR B 13 0.14 -4.81 -20.41
CA THR B 13 -0.93 -4.04 -21.01
C THR B 13 -2.28 -4.45 -20.43
N PRO B 14 -3.24 -3.53 -20.33
CA PRO B 14 -4.56 -3.91 -19.79
C PRO B 14 -5.35 -4.72 -20.80
N LEU B 15 -6.14 -5.65 -20.27
CA LEU B 15 -7.02 -6.48 -21.10
C LEU B 15 -8.35 -5.79 -21.36
N GLN B 16 -9.07 -6.30 -22.35
CA GLN B 16 -10.42 -5.82 -22.62
C GLN B 16 -11.38 -6.34 -21.55
N ARG B 17 -12.37 -5.51 -21.21
CA ARG B 17 -13.28 -5.85 -20.11
C ARG B 17 -14.03 -7.16 -20.37
N SER B 18 -14.48 -7.35 -21.62
CA SER B 18 -15.21 -8.56 -21.99
C SER B 18 -14.36 -9.83 -21.88
N ASP B 19 -13.03 -9.72 -21.80
CA ASP B 19 -12.18 -10.90 -21.76
C ASP B 19 -12.20 -11.60 -20.40
N ALA B 20 -12.51 -10.88 -19.33
CA ALA B 20 -12.54 -11.45 -17.98
C ALA B 20 -13.92 -11.16 -17.39
N PRO B 21 -14.95 -11.87 -17.85
CA PRO B 21 -16.28 -11.65 -17.26
C PRO B 21 -16.38 -12.14 -15.83
N GLN B 22 -15.54 -13.10 -15.44
CA GLN B 22 -15.56 -13.62 -14.06
C GLN B 22 -15.21 -12.53 -13.05
N LEU B 23 -14.49 -11.50 -13.47
CA LEU B 23 -14.09 -10.40 -12.61
C LEU B 23 -15.10 -9.27 -12.58
N GLU B 24 -16.32 -9.50 -13.09
CA GLU B 24 -17.34 -8.47 -13.03
C GLU B 24 -17.68 -8.03 -11.61
N PRO B 25 -17.78 -8.93 -10.60
CA PRO B 25 -17.94 -8.42 -9.22
C PRO B 25 -16.82 -7.50 -8.79
N VAL B 26 -15.59 -7.70 -9.29
CA VAL B 26 -14.49 -6.82 -8.96
C VAL B 26 -14.65 -5.47 -9.66
N PHE B 27 -15.11 -5.48 -10.91
CA PHE B 27 -15.21 -4.25 -11.68
C PHE B 27 -16.31 -3.34 -11.15
N ARG B 28 -17.47 -3.90 -10.81
CA ARG B 28 -18.61 -3.09 -10.39
C ARG B 28 -18.31 -2.33 -9.11
N GLY B 29 -17.76 -3.03 -8.10
CA GLY B 29 -17.36 -2.36 -6.87
C GLY B 29 -16.39 -1.23 -7.10
N MET B 30 -15.49 -1.39 -8.08
CA MET B 30 -14.52 -0.36 -8.42
C MET B 30 -15.20 0.85 -9.06
N GLU B 31 -15.91 0.62 -10.17
CA GLU B 31 -16.43 1.69 -11.01
C GLU B 31 -17.67 2.36 -10.42
N GLN B 32 -18.39 1.67 -9.52
CA GLN B 32 -19.54 2.28 -8.85
C GLN B 32 -19.15 3.59 -8.17
N ASN B 33 -18.03 3.59 -7.43
CA ASN B 33 -17.58 4.80 -6.77
C ASN B 33 -16.98 5.81 -7.75
N LEU B 34 -16.38 5.33 -8.84
CA LEU B 34 -15.65 6.19 -9.76
C LEU B 34 -16.45 6.63 -10.98
N GLY B 35 -17.43 5.83 -11.43
CA GLY B 35 -18.16 6.13 -12.64
C GLY B 35 -17.57 5.54 -13.90
N PHE B 36 -16.38 4.94 -13.82
CA PHE B 36 -15.73 4.30 -14.95
C PHE B 36 -14.72 3.30 -14.39
N LEU B 37 -14.19 2.46 -15.28
CA LEU B 37 -13.27 1.42 -14.86
C LEU B 37 -11.83 1.87 -15.10
N PRO B 38 -11.01 1.98 -14.06
CA PRO B 38 -9.63 2.46 -14.23
C PRO B 38 -8.77 1.49 -15.04
N ASN B 39 -7.71 2.05 -15.62
CA ASN B 39 -6.73 1.24 -16.34
C ASN B 39 -5.94 0.35 -15.39
N GLY B 40 -5.80 0.75 -14.13
CA GLY B 40 -5.05 -0.06 -13.18
C GLY B 40 -5.69 -1.40 -12.89
N ILE B 41 -7.03 -1.44 -12.83
CA ILE B 41 -7.71 -2.70 -12.53
C ILE B 41 -7.80 -3.57 -13.78
N LEU B 42 -8.02 -2.96 -14.95
CA LEU B 42 -7.96 -3.72 -16.20
C LEU B 42 -6.62 -4.42 -16.35
N THR B 43 -5.55 -3.75 -15.96
CA THR B 43 -4.22 -4.36 -16.01
C THR B 43 -4.07 -5.42 -14.94
N MET B 44 -4.49 -5.12 -13.70
CA MET B 44 -4.47 -6.08 -12.61
C MET B 44 -5.27 -7.35 -12.93
N GLY B 45 -6.24 -7.24 -13.84
CA GLY B 45 -7.07 -8.39 -14.19
C GLY B 45 -6.31 -9.55 -14.80
N LYS B 46 -5.11 -9.29 -15.33
CA LYS B 46 -4.31 -10.38 -15.88
C LYS B 46 -3.78 -11.32 -14.82
N ASN B 47 -3.93 -10.98 -13.54
CA ASN B 47 -3.71 -11.90 -12.42
C ASN B 47 -5.04 -11.96 -11.68
N PRO B 48 -5.92 -12.90 -12.01
CA PRO B 48 -7.25 -12.90 -11.40
C PRO B 48 -7.23 -13.05 -9.89
N ASP B 49 -6.31 -13.87 -9.35
CA ASP B 49 -6.18 -13.99 -7.90
C ASP B 49 -5.83 -12.66 -7.25
N LEU B 50 -4.91 -11.92 -7.86
CA LEU B 50 -4.53 -10.62 -7.33
C LEU B 50 -5.68 -9.62 -7.43
N ALA B 51 -6.38 -9.60 -8.56
CA ALA B 51 -7.45 -8.63 -8.78
C ALA B 51 -8.59 -8.84 -7.78
N VAL B 52 -8.97 -10.09 -7.55
CA VAL B 52 -10.05 -10.38 -6.61
C VAL B 52 -9.62 -10.11 -5.17
N ALA B 53 -8.39 -10.49 -4.83
CA ALA B 53 -7.92 -10.30 -3.46
C ALA B 53 -7.90 -8.81 -3.10
N PHE B 54 -7.43 -7.98 -4.02
CA PHE B 54 -7.41 -6.54 -3.78
C PHE B 54 -8.82 -5.95 -3.81
N GLY B 55 -9.68 -6.45 -4.71
CA GLY B 55 -11.06 -5.96 -4.74
C GLY B 55 -11.77 -6.13 -3.42
N GLY B 56 -11.55 -7.29 -2.76
CA GLY B 56 -12.09 -7.48 -1.43
C GLY B 56 -11.49 -6.52 -0.42
N LEU B 57 -10.23 -6.10 -0.63
CA LEU B 57 -9.63 -5.12 0.26
C LEU B 57 -10.24 -3.74 0.04
N PHE B 58 -10.46 -3.37 -1.23
CA PHE B 58 -10.98 -2.04 -1.53
C PHE B 58 -12.44 -1.89 -1.10
N LYS B 59 -13.20 -3.00 -1.07
CA LYS B 59 -14.59 -2.93 -0.64
C LYS B 59 -14.72 -2.57 0.84
N CYS B 60 -13.65 -2.72 1.63
CA CYS B 60 -13.72 -2.32 3.03
C CYS B 60 -13.88 -0.82 3.18
N ILE B 61 -13.40 -0.04 2.21
CA ILE B 61 -13.57 1.42 2.27
C ILE B 61 -15.05 1.79 2.29
N ASP B 62 -15.81 1.27 1.32
CA ASP B 62 -17.25 1.51 1.29
C ASP B 62 -17.95 0.92 2.52
N ALA B 63 -17.42 -0.20 3.04
CA ALA B 63 -18.04 -0.90 4.15
C ALA B 63 -17.76 -0.27 5.51
N PHE B 64 -16.81 0.66 5.60
CA PHE B 64 -16.44 1.21 6.90
C PHE B 64 -17.61 2.00 7.49
N LYS B 65 -17.79 1.86 8.81
CA LYS B 65 -18.98 2.33 9.49
C LYS B 65 -18.72 3.44 10.50
N HIS B 66 -17.48 3.67 10.90
CA HIS B 66 -17.15 4.55 12.00
C HIS B 66 -16.69 5.94 11.57
N ILE B 67 -16.57 6.19 10.27
CA ILE B 67 -16.24 7.52 9.76
C ILE B 67 -17.19 7.85 8.61
N PRO B 68 -17.57 9.11 8.43
CA PRO B 68 -18.48 9.48 7.34
C PRO B 68 -17.87 9.20 5.98
N THR B 69 -18.74 9.09 4.97
CA THR B 69 -18.29 8.81 3.62
C THR B 69 -17.42 9.94 3.07
N GLU B 70 -17.77 11.19 3.37
CA GLU B 70 -16.98 12.32 2.87
C GLU B 70 -15.56 12.35 3.43
N LEU B 71 -15.37 11.91 4.67
CA LEU B 71 -14.02 11.90 5.24
C LEU B 71 -13.16 10.78 4.66
N LYS B 72 -13.78 9.65 4.31
CA LYS B 72 -13.06 8.55 3.71
C LYS B 72 -12.32 8.98 2.44
N TRP B 73 -13.04 9.66 1.53
CA TRP B 73 -12.42 10.10 0.29
C TRP B 73 -11.53 11.32 0.50
N ALA B 74 -11.80 12.09 1.56
CA ALA B 74 -10.88 13.17 1.93
C ALA B 74 -9.55 12.60 2.40
N ILE B 75 -9.58 11.55 3.23
CA ILE B 75 -8.36 10.88 3.66
C ILE B 75 -7.61 10.32 2.45
N ALA B 76 -8.33 9.71 1.51
CA ALA B 76 -7.70 9.13 0.33
C ALA B 76 -7.07 10.21 -0.55
N MET B 77 -7.74 11.36 -0.69
CA MET B 77 -7.18 12.45 -1.47
C MET B 77 -5.90 12.99 -0.84
N ILE B 78 -5.92 13.22 0.46
CA ILE B 78 -4.75 13.76 1.15
C ILE B 78 -3.61 12.75 1.13
N SER B 79 -3.93 11.47 1.35
CA SER B 79 -2.89 10.44 1.37
C SER B 79 -2.22 10.30 0.01
N SER B 80 -3.01 10.23 -1.05
CA SER B 80 -2.45 10.09 -2.39
C SER B 80 -1.66 11.32 -2.79
N SER B 81 -2.11 12.51 -2.37
CA SER B 81 -1.40 13.73 -2.71
C SER B 81 -0.05 13.79 -1.99
N ALA B 82 -0.03 13.47 -0.69
CA ALA B 82 1.22 13.49 0.06
C ALA B 82 2.25 12.55 -0.52
N ALA B 83 1.81 11.42 -1.07
CA ALA B 83 2.69 10.44 -1.69
C ALA B 83 3.13 10.82 -3.10
N GLY B 84 2.62 11.93 -3.64
CA GLY B 84 2.98 12.32 -5.00
C GLY B 84 2.41 11.43 -6.09
N ALA B 85 1.28 10.79 -5.83
CA ALA B 85 0.62 9.95 -6.82
C ALA B 85 -0.54 10.77 -7.38
N MET B 86 -0.27 11.49 -8.47
CA MET B 86 -1.30 12.35 -9.05
C MET B 86 -2.43 11.56 -9.68
N TYR B 87 -2.15 10.34 -10.14
CA TYR B 87 -3.19 9.49 -10.70
C TYR B 87 -4.23 9.16 -9.65
N CYS B 88 -3.79 8.67 -8.49
CA CYS B 88 -4.71 8.35 -7.40
C CYS B 88 -5.34 9.60 -6.80
N LYS B 89 -4.59 10.72 -6.77
CA LYS B 89 -5.15 11.99 -6.31
C LYS B 89 -6.32 12.45 -7.18
N SER B 90 -6.19 12.30 -8.50
CA SER B 90 -7.29 12.70 -9.39
C SER B 90 -8.47 11.75 -9.27
N HIS B 91 -8.21 10.45 -9.11
CA HIS B 91 -9.28 9.47 -9.02
C HIS B 91 -10.11 9.65 -7.76
N PHE B 92 -9.45 9.83 -6.61
CA PHE B 92 -10.20 10.00 -5.36
C PHE B 92 -10.92 11.34 -5.31
N SER B 93 -10.37 12.37 -5.96
CA SER B 93 -11.07 13.64 -6.08
C SER B 93 -12.32 13.50 -6.94
N HIS B 94 -12.23 12.73 -8.04
CA HIS B 94 -13.40 12.47 -8.87
C HIS B 94 -14.49 11.74 -8.08
N ILE B 95 -14.09 10.78 -7.23
CA ILE B 95 -15.06 10.11 -6.37
C ILE B 95 -15.72 11.11 -5.44
N ALA B 96 -14.96 12.06 -4.91
CA ALA B 96 -15.51 13.05 -3.98
C ALA B 96 -16.53 13.94 -4.67
N THR B 97 -16.31 14.27 -5.95
CA THR B 97 -17.28 15.12 -6.66
C THR B 97 -18.59 14.38 -6.92
N ARG B 98 -18.53 13.06 -7.15
CA ARG B 98 -19.73 12.26 -7.37
C ARG B 98 -20.50 11.95 -6.08
N THR B 99 -19.85 12.02 -4.91
CA THR B 99 -20.47 11.59 -3.66
C THR B 99 -20.76 12.70 -2.66
N HIS B 100 -20.11 13.86 -2.79
CA HIS B 100 -20.24 14.91 -1.79
C HIS B 100 -21.36 15.90 -2.15
N VAL B 101 -22.13 16.30 -1.14
CA VAL B 101 -23.19 17.27 -1.36
C VAL B 101 -22.61 18.67 -1.54
N ASN B 102 -21.48 18.96 -0.90
CA ASN B 102 -20.85 20.28 -0.90
C ASN B 102 -19.56 20.19 -1.71
N ARG B 103 -19.60 20.68 -2.96
CA ARG B 103 -18.42 20.66 -3.81
C ARG B 103 -17.33 21.59 -3.29
N ASN B 104 -17.71 22.68 -2.61
CA ASN B 104 -16.73 23.66 -2.16
C ASN B 104 -15.82 23.07 -1.07
N LYS B 105 -16.38 22.21 -0.21
CA LYS B 105 -15.57 21.58 0.83
C LYS B 105 -14.54 20.64 0.20
N VAL B 106 -14.92 19.94 -0.87
CA VAL B 106 -14.00 19.04 -1.55
C VAL B 106 -12.84 19.80 -2.17
N MET B 107 -13.13 20.94 -2.82
CA MET B 107 -12.09 21.69 -3.51
C MET B 107 -11.09 22.33 -2.55
N ALA B 108 -11.46 22.49 -1.29
CA ALA B 108 -10.57 23.02 -0.26
C ALA B 108 -9.94 21.93 0.59
N ALA B 109 -10.01 20.67 0.14
CA ALA B 109 -9.52 19.57 0.96
C ALA B 109 -8.03 19.68 1.22
N PHE B 110 -7.25 20.00 0.18
CA PHE B 110 -5.80 20.01 0.34
C PHE B 110 -5.31 21.21 1.13
N GLU B 111 -6.19 22.15 1.49
CA GLU B 111 -5.89 23.25 2.39
C GLU B 111 -6.64 23.09 3.71
N PHE B 112 -6.83 21.84 4.14
CA PHE B 112 -7.67 21.55 5.30
C PHE B 112 -7.16 22.20 6.58
N GLN B 113 -5.84 22.42 6.68
CA GLN B 113 -5.30 22.98 7.91
C GLN B 113 -5.68 24.44 8.11
N THR B 114 -6.12 25.14 7.06
CA THR B 114 -6.50 26.54 7.17
C THR B 114 -7.89 26.86 6.62
N SER B 115 -8.50 26.00 5.81
CA SER B 115 -9.83 26.26 5.28
C SER B 115 -10.88 26.01 6.37
N ASP B 116 -11.85 26.92 6.45
CA ASP B 116 -12.89 26.85 7.48
C ASP B 116 -13.97 25.81 7.18
N PHE B 117 -13.83 25.04 6.10
CA PHE B 117 -14.76 23.95 5.83
C PHE B 117 -14.46 22.71 6.66
N TYR B 118 -13.36 22.70 7.42
CA TYR B 118 -12.93 21.52 8.18
C TYR B 118 -12.70 21.91 9.62
N ASN B 119 -13.23 21.10 10.56
CA ASN B 119 -13.04 21.34 11.97
C ASN B 119 -11.72 20.74 12.45
N GLU B 120 -11.43 20.87 13.75
CA GLU B 120 -10.17 20.38 14.30
C GLU B 120 -10.11 18.85 14.30
N ALA B 121 -11.26 18.18 14.35
CA ALA B 121 -11.26 16.72 14.29
C ALA B 121 -10.87 16.21 12.91
N GLU B 122 -11.47 16.78 11.87
CA GLU B 122 -11.12 16.37 10.50
C GLU B 122 -9.68 16.72 10.16
N ARG B 123 -9.20 17.88 10.64
CA ARG B 123 -7.82 18.27 10.40
C ARG B 123 -6.85 17.31 11.08
N ALA B 124 -7.22 16.80 12.26
CA ALA B 124 -6.38 15.83 12.94
C ALA B 124 -6.25 14.55 12.14
N ALA B 125 -7.35 14.11 11.51
CA ALA B 125 -7.31 12.89 10.72
C ALA B 125 -6.56 13.09 9.41
N LEU B 126 -6.77 14.23 8.75
CA LEU B 126 -6.10 14.46 7.47
C LEU B 126 -4.62 14.75 7.65
N ALA B 127 -4.26 15.40 8.76
CA ALA B 127 -2.84 15.62 9.06
C ALA B 127 -2.14 14.30 9.34
N PHE B 128 -2.84 13.37 10.00
CA PHE B 128 -2.31 12.03 10.20
C PHE B 128 -2.12 11.32 8.87
N ALA B 129 -3.12 11.40 8.00
CA ALA B 129 -3.03 10.73 6.70
C ALA B 129 -1.89 11.29 5.87
N PHE B 130 -1.69 12.61 5.91
CA PHE B 130 -0.61 13.24 5.17
C PHE B 130 0.75 12.77 5.66
N ALA B 131 1.00 12.88 6.97
CA ALA B 131 2.27 12.45 7.52
C ALA B 131 2.48 10.95 7.43
N ASN B 132 1.39 10.19 7.26
CA ASN B 132 1.49 8.74 7.16
C ASN B 132 1.95 8.30 5.78
N SER B 133 1.69 9.11 4.74
CA SER B 133 1.82 8.67 3.37
C SER B 133 3.12 9.09 2.70
N THR B 134 3.93 9.91 3.34
CA THR B 134 5.20 10.26 2.74
C THR B 134 6.23 9.16 3.02
N SER B 135 7.32 9.19 2.26
CA SER B 135 8.40 8.22 2.40
C SER B 135 9.68 8.96 2.73
N PRO B 136 10.19 8.88 3.97
CA PRO B 136 9.51 8.15 5.04
C PRO B 136 8.37 8.93 5.69
N ALA B 137 7.53 8.25 6.47
CA ALA B 137 6.45 8.91 7.18
C ALA B 137 7.02 9.80 8.28
N HIS B 138 6.53 11.03 8.37
CA HIS B 138 6.93 11.99 9.40
C HIS B 138 5.86 12.12 10.47
N LEU B 139 5.31 10.98 10.89
CA LEU B 139 4.30 10.93 11.94
C LEU B 139 4.95 11.19 13.30
N ASP B 140 4.51 12.24 13.99
CA ASP B 140 5.00 12.57 15.32
C ASP B 140 3.94 12.26 16.36
N LYS B 141 4.31 12.46 17.64
CA LYS B 141 3.39 12.13 18.73
C LYS B 141 2.15 13.01 18.70
N GLU B 142 2.25 14.26 18.22
CA GLU B 142 1.09 15.13 18.18
C GLU B 142 0.01 14.61 17.24
N HIS B 143 0.41 13.95 16.14
CA HIS B 143 -0.57 13.33 15.26
C HIS B 143 -1.39 12.28 16.00
N PHE B 144 -0.73 11.45 16.81
CA PHE B 144 -1.44 10.41 17.55
C PHE B 144 -2.31 11.00 18.64
N ASP B 145 -1.83 12.04 19.33
CA ASP B 145 -2.61 12.69 20.37
C ASP B 145 -3.87 13.34 19.78
N GLU B 146 -3.73 14.04 18.65
CA GLU B 146 -4.88 14.67 18.01
C GLU B 146 -5.85 13.64 17.46
N LEU B 147 -5.34 12.52 16.93
CA LEU B 147 -6.22 11.46 16.45
C LEU B 147 -6.94 10.78 17.61
N ALA B 148 -6.24 10.52 18.71
CA ALA B 148 -6.86 9.86 19.85
C ALA B 148 -7.85 10.77 20.56
N ARG B 149 -7.70 12.09 20.44
CA ARG B 149 -8.59 13.01 21.13
C ARG B 149 -9.95 13.11 20.44
N TYR B 150 -10.00 12.87 19.12
CA TYR B 150 -11.21 13.03 18.35
C TYR B 150 -11.77 11.73 17.78
N TYR B 151 -11.06 10.61 17.90
CA TYR B 151 -11.48 9.37 17.25
C TYR B 151 -11.32 8.19 18.19
N SER B 152 -12.22 7.22 18.05
CA SER B 152 -12.16 5.97 18.78
C SER B 152 -11.14 5.02 18.15
N GLU B 153 -10.85 3.93 18.85
CA GLU B 153 -9.96 2.91 18.30
C GLU B 153 -10.51 2.36 16.98
N GLU B 154 -11.83 2.15 16.91
CA GLU B 154 -12.43 1.62 15.68
C GLU B 154 -12.30 2.61 14.53
N ALA B 155 -12.53 3.90 14.80
CA ALA B 155 -12.38 4.91 13.76
C ALA B 155 -10.94 5.03 13.31
N ALA B 156 -9.99 4.95 14.25
CA ALA B 156 -8.58 5.05 13.88
C ALA B 156 -8.15 3.89 13.00
N ILE B 157 -8.67 2.69 13.27
CA ILE B 157 -8.32 1.51 12.47
C ILE B 157 -8.81 1.68 11.03
N GLU B 158 -10.04 2.21 10.85
CA GLU B 158 -10.57 2.41 9.51
C GLU B 158 -9.87 3.57 8.80
N ILE B 159 -9.42 4.59 9.54
CA ILE B 159 -8.64 5.67 8.93
C ILE B 159 -7.31 5.13 8.43
N ALA B 160 -6.56 4.45 9.30
CA ALA B 160 -5.27 3.90 8.91
C ALA B 160 -5.40 2.89 7.79
N ALA B 161 -6.52 2.17 7.75
CA ALA B 161 -6.76 1.20 6.67
C ALA B 161 -6.86 1.90 5.32
N ILE B 162 -7.58 3.03 5.27
CA ILE B 162 -7.71 3.77 4.02
C ILE B 162 -6.34 4.28 3.57
N ILE B 163 -5.54 4.77 4.52
CA ILE B 163 -4.20 5.25 4.19
C ILE B 163 -3.35 4.12 3.63
N ALA B 164 -3.41 2.95 4.28
CA ALA B 164 -2.61 1.81 3.82
C ALA B 164 -3.10 1.32 2.45
N ILE B 165 -4.42 1.35 2.22
CA ILE B 165 -4.95 0.96 0.92
C ILE B 165 -4.46 1.93 -0.15
N CYS B 166 -4.36 3.22 0.19
CA CYS B 166 -3.74 4.17 -0.72
C CYS B 166 -2.28 3.83 -0.96
N GLY B 167 -1.60 3.29 0.06
CA GLY B 167 -0.23 2.83 -0.15
C GLY B 167 -0.12 1.77 -1.22
N PHE B 168 -1.07 0.83 -1.24
CA PHE B 168 -1.10 -0.16 -2.31
C PHE B 168 -1.38 0.50 -3.65
N LEU B 169 -2.37 1.39 -3.68
CA LEU B 169 -2.84 1.97 -4.93
C LEU B 169 -1.83 2.95 -5.53
N ASN B 170 -1.17 3.76 -4.68
CA ASN B 170 -0.18 4.70 -5.20
C ASN B 170 0.96 3.99 -5.91
N ARG B 171 1.47 2.91 -5.30
CA ARG B 171 2.60 2.19 -5.87
C ARG B 171 2.19 1.32 -7.06
N TRP B 172 0.98 0.76 -7.02
CA TRP B 172 0.52 -0.04 -8.16
C TRP B 172 0.34 0.80 -9.41
N ASN B 173 -0.34 1.95 -9.28
CA ASN B 173 -0.56 2.79 -10.46
C ASN B 173 0.73 3.46 -10.92
N ALA B 174 1.69 3.67 -10.01
CA ALA B 174 3.00 4.13 -10.44
C ALA B 174 3.76 3.03 -11.17
N ALA B 175 3.62 1.78 -10.69
CA ALA B 175 4.26 0.64 -11.35
C ALA B 175 3.66 0.37 -12.71
N MET B 176 2.35 0.61 -12.88
CA MET B 176 1.69 0.46 -14.17
C MET B 176 1.85 1.71 -15.04
N ASP B 177 2.28 2.82 -14.46
CA ASP B 177 2.27 4.12 -15.12
C ASP B 177 0.91 4.38 -15.77
N SER B 178 -0.14 4.15 -14.99
CA SER B 178 -1.50 4.36 -15.47
C SER B 178 -1.69 5.83 -15.81
N GLN B 179 -2.15 6.10 -17.04
CA GLN B 179 -2.35 7.46 -17.49
C GLN B 179 -3.65 8.03 -16.96
N ILE B 180 -3.60 9.30 -16.53
CA ILE B 180 -4.76 9.94 -15.92
CA ILE B 180 -4.75 9.93 -15.92
C ILE B 180 -5.87 10.06 -16.95
N GLU B 181 -7.05 9.54 -16.61
CA GLU B 181 -8.17 9.58 -17.53
C GLU B 181 -8.72 11.00 -17.64
N ALA B 182 -9.55 11.21 -18.67
CA ALA B 182 -10.04 12.55 -18.97
C ALA B 182 -10.94 13.10 -17.87
N ALA B 183 -11.84 12.25 -17.32
CA ALA B 183 -12.76 12.74 -16.29
C ALA B 183 -12.04 13.10 -15.00
N PRO B 184 -11.12 12.29 -14.46
CA PRO B 184 -10.32 12.77 -13.31
C PRO B 184 -9.37 13.88 -13.67
N ARG B 185 -8.89 13.93 -14.93
CA ARG B 185 -8.01 15.02 -15.34
C ARG B 185 -8.70 16.36 -15.26
N ALA B 186 -9.97 16.42 -15.70
CA ALA B 186 -10.75 17.65 -15.56
C ALA B 186 -10.99 17.99 -14.09
N THR B 187 -11.30 16.98 -13.27
CA THR B 187 -11.50 17.20 -11.84
C THR B 187 -10.23 17.71 -11.17
N LEU B 188 -9.07 17.16 -11.57
CA LEU B 188 -7.81 17.57 -10.95
C LEU B 188 -7.42 18.99 -11.35
N ASP B 189 -7.69 19.39 -12.60
CA ASP B 189 -7.41 20.76 -13.02
C ASP B 189 -8.30 21.76 -12.28
N GLU B 190 -9.57 21.41 -12.07
CA GLU B 190 -10.47 22.29 -11.35
C GLU B 190 -10.04 22.45 -9.90
N ILE B 191 -9.63 21.36 -9.26
CA ILE B 191 -9.21 21.42 -7.86
C ILE B 191 -7.83 22.05 -7.68
N GLU B 192 -7.03 22.12 -8.74
CA GLU B 192 -5.73 22.79 -8.69
C GLU B 192 -5.77 24.15 -9.38
S SO4 C . 18.55 4.97 -10.45
O1 SO4 C . 18.64 6.39 -10.13
O2 SO4 C . 18.17 4.81 -11.84
O3 SO4 C . 17.55 4.35 -9.59
O4 SO4 C . 19.85 4.33 -10.22
C02 MKV D . -8.35 3.21 -8.63
C03 MKV D . -8.29 1.86 -8.34
C05 MKV D . -7.49 1.27 -9.28
C07 MKV D . -7.06 2.25 -10.13
N08 MKV D . -7.59 3.41 -9.73
BR01 MKV D . -9.34 4.54 -7.64
BR04 MKV D . -9.22 1.04 -6.85
BR06 MKV D . -7.00 -0.61 -9.42
#